data_5KBQ
#
_entry.id   5KBQ
#
_cell.length_a   61.911
_cell.length_b   80.940
_cell.length_c   66.022
_cell.angle_alpha   90.00
_cell.angle_beta   107.07
_cell.angle_gamma   90.00
#
_symmetry.space_group_name_H-M   'P 1 21 1'
#
loop_
_entity.id
_entity.type
_entity.pdbx_description
1 polymer 'Serine/threonine-protein kinase PAK 1'
2 non-polymer [4-methyl-3-[methyl-[2-[(3-methylsulfonyl-5-morpholin-4-yl-phenyl)amino]pyrimidin-4-yl]amino]phenyl]methanol
3 water water
#
_entity_poly.entity_id   1
_entity_poly.type   'polypeptide(L)'
_entity_poly.pdbx_seq_one_letter_code
;LEKLRSIVSVGDPKKKYTRFEKIGQGASGTVYTAMDVATGQEVAIKQMNLQQQPKKELIINEILVMRENKNPNIVNYLDS
YLVGDELWVVMEYLAGGSLTDVVTETCMDEGQIAAVCRECLQALEFLHSNQVIHRNIKSDNILLGMDGSVKLTDFGFCAQ
ITPEQSKRSEMVGTPYWMAPEVVTRKAYGPKVDIWSLGIMAIEMIEGEPPYLNENPLRALYLIATNGTPELQNPEKLSAI
FRDFLNRCLDMDVEKRGSAKELLQHQFLKIAKPLSSLTPLIAAAKEATK
;
_entity_poly.pdbx_strand_id   A,B
#
# COMPACT_ATOMS: atom_id res chain seq x y z
N LEU A 1 -10.30 -19.80 39.08
CA LEU A 1 -11.34 -20.80 38.87
C LEU A 1 -12.29 -20.98 40.04
N GLU A 2 -11.77 -20.86 41.28
CA GLU A 2 -12.56 -20.99 42.50
C GLU A 2 -13.42 -19.74 42.67
N LYS A 3 -12.84 -18.55 42.34
CA LYS A 3 -13.51 -17.25 42.35
C LYS A 3 -14.53 -17.26 41.20
N LEU A 4 -14.15 -17.81 40.03
CA LEU A 4 -14.99 -17.95 38.84
C LEU A 4 -16.24 -18.78 39.12
N ARG A 5 -16.08 -19.91 39.83
CA ARG A 5 -17.16 -20.83 40.20
C ARG A 5 -18.23 -20.18 41.09
N SER A 6 -17.85 -19.16 41.86
CA SER A 6 -18.72 -18.42 42.78
C SER A 6 -19.29 -17.09 42.19
N ILE A 7 -19.35 -17.00 40.86
CA ILE A 7 -19.88 -15.82 40.17
C ILE A 7 -21.08 -16.26 39.34
N VAL A 8 -20.94 -17.44 38.70
CA VAL A 8 -21.93 -18.07 37.82
C VAL A 8 -23.25 -18.39 38.57
N SER A 9 -24.35 -18.50 37.80
CA SER A 9 -25.70 -18.79 38.29
C SER A 9 -25.92 -20.27 38.59
N VAL A 10 -27.00 -20.53 39.36
CA VAL A 10 -27.51 -21.85 39.74
C VAL A 10 -28.73 -22.13 38.83
N GLY A 11 -28.75 -23.32 38.24
CA GLY A 11 -29.82 -23.74 37.35
C GLY A 11 -29.37 -24.15 35.96
N ASP A 12 -30.17 -25.04 35.33
CA ASP A 12 -29.90 -25.56 33.99
C ASP A 12 -30.18 -24.50 32.92
N PRO A 13 -29.14 -24.03 32.18
CA PRO A 13 -29.38 -23.02 31.13
C PRO A 13 -30.06 -23.63 29.91
N LYS A 14 -29.81 -24.93 29.67
CA LYS A 14 -30.41 -25.74 28.62
C LYS A 14 -31.92 -25.84 28.86
N LYS A 15 -32.35 -25.85 30.15
CA LYS A 15 -33.76 -25.91 30.56
C LYS A 15 -34.38 -24.51 30.83
N LYS A 16 -33.55 -23.44 30.84
CA LYS A 16 -34.03 -22.06 31.02
C LYS A 16 -34.21 -21.36 29.68
N TYR A 17 -33.41 -21.74 28.68
CA TYR A 17 -33.48 -21.19 27.32
C TYR A 17 -33.67 -22.31 26.29
N THR A 18 -34.34 -22.01 25.17
CA THR A 18 -34.56 -22.94 24.06
C THR A 18 -34.27 -22.19 22.74
N ARG A 19 -34.65 -22.77 21.57
CA ARG A 19 -34.50 -22.23 20.21
C ARG A 19 -33.05 -21.77 19.90
N PHE A 20 -32.05 -22.58 20.33
CA PHE A 20 -30.63 -22.31 20.15
C PHE A 20 -30.20 -22.37 18.68
N GLU A 21 -29.63 -21.28 18.18
CA GLU A 21 -29.18 -21.18 16.79
C GLU A 21 -27.86 -20.40 16.68
N LYS A 22 -26.78 -21.10 16.26
CA LYS A 22 -25.44 -20.54 16.10
C LYS A 22 -25.39 -19.36 15.15
N ILE A 23 -24.89 -18.21 15.64
CA ILE A 23 -24.78 -16.97 14.86
C ILE A 23 -23.32 -16.47 14.79
N GLY A 24 -22.37 -17.36 15.11
CA GLY A 24 -20.96 -16.99 15.04
C GLY A 24 -19.95 -17.83 15.80
N GLN A 25 -18.69 -17.39 15.67
CA GLN A 25 -17.45 -17.93 16.24
C GLN A 25 -16.40 -16.77 16.29
N GLY A 26 -15.26 -16.92 16.96
CA GLY A 26 -14.79 -18.11 17.68
C GLY A 26 -13.45 -17.92 18.36
N ALA A 27 -13.09 -16.65 18.64
CA ALA A 27 -11.86 -16.26 19.34
C ALA A 27 -12.03 -16.77 20.77
N SER A 28 -12.99 -16.18 21.52
CA SER A 28 -13.34 -16.58 22.88
C SER A 28 -14.36 -17.72 22.89
N GLY A 29 -15.05 -17.95 21.76
CA GLY A 29 -16.01 -19.04 21.64
C GLY A 29 -17.20 -18.87 20.72
N THR A 30 -18.13 -19.84 20.78
CA THR A 30 -19.36 -19.92 19.97
C THR A 30 -20.45 -18.94 20.44
N VAL A 31 -21.08 -18.23 19.49
CA VAL A 31 -22.17 -17.30 19.79
C VAL A 31 -23.48 -17.91 19.28
N TYR A 32 -24.45 -18.08 20.16
CA TYR A 32 -25.76 -18.67 19.84
C TYR A 32 -26.88 -17.66 20.09
N THR A 33 -28.01 -17.91 19.44
CA THR A 33 -29.24 -17.15 19.61
C THR A 33 -30.18 -18.02 20.46
N ALA A 34 -31.03 -17.40 21.28
CA ALA A 34 -32.00 -18.13 22.11
C ALA A 34 -33.14 -17.25 22.52
N MET A 35 -34.15 -17.88 23.11
CA MET A 35 -35.36 -17.22 23.57
C MET A 35 -35.63 -17.67 25.00
N ASP A 36 -35.89 -16.71 25.88
CA ASP A 36 -36.23 -16.98 27.28
C ASP A 36 -37.58 -17.73 27.28
N VAL A 37 -37.62 -18.93 27.91
CA VAL A 37 -38.82 -19.80 27.93
C VAL A 37 -40.00 -19.14 28.67
N ALA A 38 -39.70 -18.38 29.75
CA ALA A 38 -40.68 -17.72 30.61
C ALA A 38 -41.11 -16.32 30.17
N THR A 39 -40.15 -15.47 29.68
CA THR A 39 -40.44 -14.09 29.29
C THR A 39 -40.69 -13.90 27.78
N GLY A 40 -39.93 -14.61 26.95
CA GLY A 40 -40.03 -14.51 25.50
C GLY A 40 -39.02 -13.57 24.90
N GLN A 41 -38.14 -13.00 25.76
CA GLN A 41 -37.08 -12.10 25.30
C GLN A 41 -36.04 -12.90 24.52
N GLU A 42 -35.52 -12.30 23.43
CA GLU A 42 -34.50 -12.88 22.57
C GLU A 42 -33.13 -12.56 23.16
N VAL A 43 -32.36 -13.63 23.44
CA VAL A 43 -31.03 -13.50 24.06
C VAL A 43 -29.92 -14.05 23.14
N ALA A 44 -28.67 -13.62 23.42
CA ALA A 44 -27.43 -13.99 22.76
C ALA A 44 -26.50 -14.60 23.81
N ILE A 45 -26.08 -15.86 23.59
CA ILE A 45 -25.22 -16.60 24.52
C ILE A 45 -23.86 -16.97 23.91
N LYS A 46 -22.77 -16.70 24.65
CA LYS A 46 -21.41 -17.09 24.25
C LYS A 46 -20.94 -18.27 25.11
N GLN A 47 -20.65 -19.42 24.45
CA GLN A 47 -20.09 -20.65 25.06
C GLN A 47 -18.57 -20.48 24.94
N MET A 48 -17.87 -20.38 26.09
CA MET A 48 -16.43 -20.07 26.10
C MET A 48 -15.42 -21.20 25.99
N ASN A 49 -15.54 -22.28 26.82
CA ASN A 49 -14.55 -23.37 26.93
C ASN A 49 -13.33 -22.80 27.68
N LEU A 50 -13.21 -23.15 28.96
CA LEU A 50 -12.17 -22.68 29.90
C LEU A 50 -10.75 -23.17 29.60
N GLN A 51 -10.60 -24.23 28.77
CA GLN A 51 -9.32 -24.78 28.35
C GLN A 51 -8.56 -23.81 27.43
N GLN A 52 -9.29 -23.09 26.53
CA GLN A 52 -8.72 -22.08 25.64
C GLN A 52 -8.57 -20.69 26.32
N GLN A 53 -8.98 -20.57 27.61
CA GLN A 53 -8.88 -19.36 28.42
C GLN A 53 -7.48 -19.25 29.03
N PRO A 54 -6.64 -18.27 28.60
CA PRO A 54 -5.27 -18.18 29.09
C PRO A 54 -5.08 -17.57 30.49
N LYS A 55 -5.53 -16.32 30.71
CA LYS A 55 -5.37 -15.64 32.01
C LYS A 55 -6.41 -16.07 33.06
N LYS A 56 -7.70 -16.18 32.63
CA LYS A 56 -8.91 -16.56 33.42
C LYS A 56 -9.46 -15.38 34.27
N GLU A 57 -8.55 -14.61 34.94
CA GLU A 57 -8.86 -13.44 35.75
C GLU A 57 -9.64 -12.40 34.95
N LEU A 58 -9.45 -12.44 33.61
CA LEU A 58 -10.07 -11.61 32.59
C LEU A 58 -11.57 -11.85 32.49
N ILE A 59 -11.97 -13.16 32.44
CA ILE A 59 -13.35 -13.63 32.36
C ILE A 59 -14.15 -13.12 33.57
N ILE A 60 -13.53 -13.13 34.79
CA ILE A 60 -14.19 -12.68 36.02
C ILE A 60 -14.37 -11.15 35.95
N ASN A 61 -13.34 -10.43 35.48
CA ASN A 61 -13.35 -8.98 35.33
C ASN A 61 -14.41 -8.54 34.32
N GLU A 62 -14.51 -9.28 33.22
CA GLU A 62 -15.50 -8.99 32.18
C GLU A 62 -16.90 -9.06 32.78
N ILE A 63 -17.20 -10.17 33.51
CA ILE A 63 -18.48 -10.45 34.18
C ILE A 63 -18.78 -9.41 35.26
N LEU A 64 -17.85 -9.19 36.18
CA LEU A 64 -18.03 -8.22 37.25
C LEU A 64 -18.24 -6.75 36.76
N VAL A 65 -17.46 -6.29 35.77
CA VAL A 65 -17.55 -4.91 35.26
C VAL A 65 -18.85 -4.71 34.46
N MET A 66 -19.27 -5.73 33.67
CA MET A 66 -20.54 -5.67 32.92
C MET A 66 -21.72 -5.54 33.91
N ARG A 67 -21.70 -6.33 35.00
CA ARG A 67 -22.71 -6.41 36.06
C ARG A 67 -22.92 -5.08 36.76
N GLU A 68 -21.83 -4.49 37.24
CA GLU A 68 -21.81 -3.27 38.03
C GLU A 68 -22.00 -1.98 37.22
N ASN A 69 -21.81 -2.04 35.88
CA ASN A 69 -21.88 -0.86 35.03
C ASN A 69 -22.89 -0.98 33.91
N LYS A 70 -24.16 -1.05 34.28
CA LYS A 70 -25.28 -1.17 33.35
C LYS A 70 -25.74 0.22 32.92
N ASN A 71 -25.89 0.41 31.59
CA ASN A 71 -26.26 1.66 30.93
C ASN A 71 -26.94 1.31 29.61
N PRO A 72 -27.84 2.19 29.06
CA PRO A 72 -28.46 1.91 27.75
C PRO A 72 -27.47 1.67 26.61
N ASN A 73 -26.23 2.22 26.70
CA ASN A 73 -25.23 2.06 25.64
C ASN A 73 -24.18 0.98 25.91
N ILE A 74 -24.51 0.05 26.80
CA ILE A 74 -23.64 -1.09 27.09
C ILE A 74 -24.48 -2.34 26.89
N VAL A 75 -24.01 -3.26 26.04
CA VAL A 75 -24.71 -4.52 25.79
C VAL A 75 -25.09 -5.09 27.16
N ASN A 76 -26.40 -5.19 27.41
CA ASN A 76 -26.96 -5.60 28.68
C ASN A 76 -26.72 -7.06 29.03
N TYR A 77 -25.81 -7.28 30.01
CA TYR A 77 -25.46 -8.59 30.55
C TYR A 77 -26.69 -9.17 31.27
N LEU A 78 -26.99 -10.46 31.04
CA LEU A 78 -28.11 -11.12 31.70
C LEU A 78 -27.59 -12.05 32.81
N ASP A 79 -27.03 -13.23 32.48
CA ASP A 79 -26.46 -14.15 33.47
C ASP A 79 -25.33 -15.01 32.91
N SER A 80 -24.59 -15.70 33.80
CA SER A 80 -23.47 -16.59 33.44
C SER A 80 -23.68 -17.98 34.06
N TYR A 81 -23.17 -19.03 33.41
CA TYR A 81 -23.30 -20.42 33.85
C TYR A 81 -22.03 -21.19 33.49
N LEU A 82 -21.68 -22.21 34.28
CA LEU A 82 -20.52 -23.06 34.00
C LEU A 82 -21.05 -24.48 33.90
N VAL A 83 -21.35 -24.93 32.67
CA VAL A 83 -21.96 -26.24 32.38
C VAL A 83 -21.03 -27.43 32.74
N GLY A 84 -19.80 -27.37 32.24
CA GLY A 84 -18.77 -28.38 32.40
C GLY A 84 -17.69 -28.05 31.41
N ASP A 85 -16.54 -27.54 31.92
CA ASP A 85 -15.38 -27.05 31.15
C ASP A 85 -15.72 -25.81 30.31
N GLU A 86 -17.02 -25.50 30.12
CA GLU A 86 -17.51 -24.36 29.35
C GLU A 86 -18.20 -23.31 30.23
N LEU A 87 -17.99 -22.03 29.88
CA LEU A 87 -18.60 -20.88 30.54
C LEU A 87 -19.57 -20.23 29.55
N TRP A 88 -20.87 -20.20 29.91
CA TRP A 88 -21.94 -19.61 29.11
C TRP A 88 -22.26 -18.20 29.63
N VAL A 89 -22.17 -17.18 28.75
CA VAL A 89 -22.42 -15.78 29.11
C VAL A 89 -23.63 -15.25 28.31
N VAL A 90 -24.76 -15.11 29.00
CA VAL A 90 -26.05 -14.69 28.43
C VAL A 90 -26.18 -13.19 28.45
N MET A 91 -26.54 -12.62 27.27
CA MET A 91 -26.72 -11.19 27.05
C MET A 91 -27.95 -10.85 26.21
N GLU A 92 -28.39 -9.57 26.24
CA GLU A 92 -29.47 -9.08 25.37
C GLU A 92 -29.01 -9.28 23.91
N TYR A 93 -29.93 -9.60 23.01
CA TYR A 93 -29.54 -9.84 21.62
C TYR A 93 -29.62 -8.57 20.75
N LEU A 94 -28.51 -8.30 20.06
CA LEU A 94 -28.35 -7.19 19.15
C LEU A 94 -28.08 -7.82 17.81
N ALA A 95 -29.19 -8.01 17.08
CA ALA A 95 -29.30 -8.65 15.79
C ALA A 95 -28.73 -7.83 14.64
N GLY A 96 -28.45 -6.55 14.90
CA GLY A 96 -27.84 -5.64 13.92
C GLY A 96 -26.41 -5.97 13.56
N GLY A 97 -25.73 -6.76 14.39
CA GLY A 97 -24.35 -7.19 14.18
C GLY A 97 -23.31 -6.19 14.64
N SER A 98 -22.05 -6.28 14.15
CA SER A 98 -21.03 -5.31 14.59
C SER A 98 -20.81 -4.13 13.65
N LEU A 99 -20.22 -3.05 14.20
CA LEU A 99 -19.89 -1.85 13.44
C LEU A 99 -18.87 -2.18 12.34
N THR A 100 -17.97 -3.17 12.61
CA THR A 100 -16.91 -3.63 11.68
C THR A 100 -17.49 -3.91 10.31
N ASP A 101 -18.61 -4.64 10.25
CA ASP A 101 -19.27 -4.96 8.98
C ASP A 101 -19.74 -3.73 8.24
N VAL A 102 -20.23 -2.73 8.99
CA VAL A 102 -20.68 -1.45 8.45
C VAL A 102 -19.48 -0.63 7.90
N VAL A 103 -18.43 -0.39 8.72
CA VAL A 103 -17.26 0.40 8.33
C VAL A 103 -16.48 -0.21 7.15
N THR A 104 -16.38 -1.56 7.09
CA THR A 104 -15.65 -2.29 6.04
C THR A 104 -16.44 -2.49 4.75
N GLU A 105 -17.80 -2.47 4.82
CA GLU A 105 -18.60 -2.72 3.63
C GLU A 105 -19.41 -1.55 3.11
N THR A 106 -19.62 -0.52 3.95
CA THR A 106 -20.42 0.63 3.57
C THR A 106 -19.71 1.99 3.75
N CYS A 107 -20.25 3.00 3.08
CA CYS A 107 -19.78 4.36 3.15
C CYS A 107 -20.78 5.13 4.02
N MET A 108 -20.32 5.60 5.18
CA MET A 108 -21.15 6.29 6.17
C MET A 108 -21.17 7.77 5.95
N ASP A 109 -22.35 8.41 5.98
CA ASP A 109 -22.37 9.87 5.85
C ASP A 109 -21.99 10.51 7.19
N GLU A 110 -21.64 11.80 7.19
CA GLU A 110 -21.24 12.54 8.39
C GLU A 110 -22.28 12.48 9.54
N GLY A 111 -23.57 12.58 9.19
CA GLY A 111 -24.69 12.53 10.12
C GLY A 111 -24.79 11.20 10.84
N GLN A 112 -24.40 10.10 10.16
CA GLN A 112 -24.43 8.73 10.71
C GLN A 112 -23.19 8.52 11.59
N ILE A 113 -22.00 9.00 11.11
CA ILE A 113 -20.77 8.92 11.87
C ILE A 113 -21.00 9.64 13.21
N ALA A 114 -21.54 10.88 13.18
CA ALA A 114 -21.88 11.69 14.34
C ALA A 114 -22.76 10.93 15.34
N ALA A 115 -23.85 10.29 14.84
CA ALA A 115 -24.80 9.50 15.64
C ALA A 115 -24.13 8.37 16.42
N VAL A 116 -23.23 7.60 15.78
CA VAL A 116 -22.49 6.52 16.42
C VAL A 116 -21.57 7.11 17.50
N CYS A 117 -20.73 8.13 17.13
CA CYS A 117 -19.82 8.84 18.05
C CYS A 117 -20.50 9.32 19.30
N ARG A 118 -21.72 9.88 19.17
CA ARG A 118 -22.53 10.38 20.27
C ARG A 118 -22.85 9.24 21.22
N GLU A 119 -23.40 8.13 20.69
CA GLU A 119 -23.79 6.97 21.49
C GLU A 119 -22.60 6.36 22.17
N CYS A 120 -21.48 6.21 21.43
CA CYS A 120 -20.21 5.69 21.95
C CYS A 120 -19.64 6.55 23.08
N LEU A 121 -19.71 7.88 22.93
CA LEU A 121 -19.31 8.83 23.96
C LEU A 121 -20.20 8.76 25.21
N GLN A 122 -21.48 8.38 25.05
CA GLN A 122 -22.44 8.24 26.17
C GLN A 122 -22.01 7.05 27.04
N ALA A 123 -21.62 5.94 26.40
CA ALA A 123 -21.07 4.76 27.06
C ALA A 123 -19.77 5.10 27.83
N LEU A 124 -18.87 5.84 27.20
CA LEU A 124 -17.58 6.28 27.78
C LEU A 124 -17.72 7.26 28.95
N GLU A 125 -18.63 8.26 28.85
CA GLU A 125 -18.92 9.22 29.92
C GLU A 125 -19.46 8.48 31.16
N PHE A 126 -20.20 7.36 30.92
CA PHE A 126 -20.74 6.52 31.97
C PHE A 126 -19.61 5.73 32.68
N LEU A 127 -18.78 4.99 31.90
CA LEU A 127 -17.66 4.21 32.43
C LEU A 127 -16.59 5.06 33.10
N HIS A 128 -16.16 6.17 32.47
CA HIS A 128 -15.14 7.07 33.05
C HIS A 128 -15.61 7.73 34.38
N SER A 129 -16.94 7.97 34.55
CA SER A 129 -17.52 8.52 35.78
C SER A 129 -17.55 7.46 36.89
N ASN A 130 -17.53 6.17 36.50
CA ASN A 130 -17.50 5.04 37.41
C ASN A 130 -16.07 4.49 37.54
N GLN A 131 -15.07 5.27 37.08
CA GLN A 131 -13.64 4.99 37.14
C GLN A 131 -13.26 3.64 36.49
N VAL A 132 -13.83 3.42 35.31
CA VAL A 132 -13.60 2.23 34.50
C VAL A 132 -13.04 2.69 33.15
N ILE A 133 -11.81 2.27 32.85
CA ILE A 133 -11.16 2.55 31.57
C ILE A 133 -11.31 1.28 30.71
N HIS A 134 -12.18 1.34 29.67
CA HIS A 134 -12.49 0.21 28.77
C HIS A 134 -11.21 -0.46 28.19
N ARG A 135 -10.32 0.35 27.59
CA ARG A 135 -9.03 -0.02 27.03
C ARG A 135 -9.04 -0.80 25.70
N ASN A 136 -10.19 -1.07 25.12
CA ASN A 136 -10.24 -1.80 23.86
C ASN A 136 -11.36 -1.33 22.98
N ILE A 137 -11.57 0.00 22.94
CA ILE A 137 -12.57 0.62 22.08
C ILE A 137 -12.04 0.43 20.65
N LYS A 138 -12.87 -0.13 19.77
CA LYS A 138 -12.63 -0.44 18.36
C LYS A 138 -13.97 -0.88 17.76
N SER A 139 -14.17 -0.68 16.43
CA SER A 139 -15.45 -1.00 15.76
C SER A 139 -15.99 -2.40 16.09
N ASP A 140 -15.10 -3.35 16.39
CA ASP A 140 -15.46 -4.73 16.69
C ASP A 140 -16.14 -4.90 18.05
N ASN A 141 -16.05 -3.88 18.93
CA ASN A 141 -16.62 -3.90 20.28
C ASN A 141 -17.86 -3.01 20.38
N ILE A 142 -18.45 -2.73 19.22
CA ILE A 142 -19.69 -1.97 19.05
C ILE A 142 -20.68 -2.87 18.35
N LEU A 143 -21.76 -3.18 19.05
CA LEU A 143 -22.85 -3.98 18.50
C LEU A 143 -24.04 -3.08 18.24
N LEU A 144 -24.75 -3.35 17.15
CA LEU A 144 -25.91 -2.59 16.70
C LEU A 144 -27.21 -3.36 16.84
N GLY A 145 -28.28 -2.66 17.20
CA GLY A 145 -29.61 -3.24 17.25
C GLY A 145 -30.24 -3.15 15.87
N MET A 146 -31.34 -3.90 15.63
CA MET A 146 -32.03 -3.84 14.33
C MET A 146 -32.74 -2.50 14.11
N ASP A 147 -33.04 -1.81 15.21
CA ASP A 147 -33.62 -0.46 15.30
C ASP A 147 -32.52 0.61 15.16
N GLY A 148 -31.24 0.21 15.22
CA GLY A 148 -30.11 1.13 15.11
C GLY A 148 -29.45 1.50 16.42
N SER A 149 -29.75 0.76 17.51
CA SER A 149 -29.14 0.96 18.82
C SER A 149 -27.62 0.73 18.70
N VAL A 150 -26.83 1.58 19.37
CA VAL A 150 -25.38 1.46 19.39
C VAL A 150 -25.01 1.04 20.82
N LYS A 151 -24.35 -0.14 20.97
CA LYS A 151 -23.97 -0.63 22.30
C LYS A 151 -22.55 -1.15 22.37
N LEU A 152 -21.86 -0.77 23.44
CA LEU A 152 -20.48 -1.13 23.75
C LEU A 152 -20.40 -2.50 24.44
N THR A 153 -19.41 -3.29 24.02
CA THR A 153 -19.13 -4.61 24.59
C THR A 153 -17.60 -4.84 24.79
N ASP A 154 -17.22 -6.09 25.16
CA ASP A 154 -15.90 -6.65 25.47
C ASP A 154 -15.10 -5.87 26.56
N PHE A 155 -15.37 -6.22 27.84
CA PHE A 155 -14.75 -5.62 29.04
C PHE A 155 -13.61 -6.45 29.67
N GLY A 156 -13.06 -7.39 28.89
CA GLY A 156 -11.96 -8.24 29.32
C GLY A 156 -10.69 -7.47 29.61
N PHE A 157 -10.44 -6.39 28.83
CA PHE A 157 -9.25 -5.55 28.97
C PHE A 157 -9.40 -4.34 29.87
N CYS A 158 -10.55 -4.15 30.47
CA CYS A 158 -10.79 -2.93 31.24
C CYS A 158 -10.02 -2.85 32.57
N ALA A 159 -9.79 -1.60 33.02
CA ALA A 159 -9.07 -1.27 34.25
C ALA A 159 -9.91 -0.37 35.13
N GLN A 160 -9.83 -0.61 36.45
CA GLN A 160 -10.57 0.17 37.43
C GLN A 160 -9.58 1.08 38.13
N ILE A 161 -9.71 2.38 37.89
CA ILE A 161 -8.82 3.38 38.47
C ILE A 161 -9.42 3.92 39.78
N THR A 162 -8.55 4.44 40.66
CA THR A 162 -8.94 4.96 41.99
C THR A 162 -8.19 6.26 42.23
N PRO A 163 -8.66 7.19 43.10
CA PRO A 163 -7.87 8.42 43.37
C PRO A 163 -6.44 8.16 43.88
N GLU A 164 -6.19 6.95 44.45
CA GLU A 164 -4.88 6.50 44.95
C GLU A 164 -4.06 5.91 43.79
N GLN A 165 -4.58 4.87 43.11
CA GLN A 165 -3.89 4.21 42.01
C GLN A 165 -4.61 4.44 40.67
N SER A 166 -4.34 5.62 40.13
CA SER A 166 -4.70 6.18 38.82
C SER A 166 -3.51 7.13 38.58
N LYS A 167 -2.90 7.13 37.38
CA LYS A 167 -3.20 6.48 36.11
C LYS A 167 -2.84 4.95 36.05
N ARG A 168 -2.92 4.32 34.86
CA ARG A 168 -2.54 2.91 34.65
C ARG A 168 -1.25 2.84 33.79
N SER A 169 -0.53 1.71 33.78
CA SER A 169 0.76 1.61 33.08
C SER A 169 0.99 0.38 32.16
N GLU A 170 0.04 -0.59 32.12
CA GLU A 170 0.19 -1.81 31.31
C GLU A 170 -0.25 -1.63 29.83
N MET A 171 0.64 -2.01 28.89
CA MET A 171 0.46 -1.95 27.43
C MET A 171 -0.68 -2.90 27.03
N VAL A 172 -1.92 -2.41 27.13
CA VAL A 172 -3.11 -3.21 26.86
C VAL A 172 -3.94 -2.56 25.78
N GLY A 173 -4.55 -3.39 24.93
CA GLY A 173 -5.46 -3.04 23.84
C GLY A 173 -5.17 -3.82 22.58
N THR A 174 -5.66 -3.29 21.44
CA THR A 174 -5.43 -3.84 20.09
C THR A 174 -4.54 -2.81 19.39
N PRO A 175 -3.28 -3.17 19.03
CA PRO A 175 -2.32 -2.19 18.50
C PRO A 175 -2.83 -1.00 17.71
N TYR A 176 -3.56 -1.19 16.60
CA TYR A 176 -3.99 -0.11 15.69
C TYR A 176 -4.90 0.96 16.33
N TRP A 177 -5.50 0.66 17.50
CA TRP A 177 -6.43 1.54 18.21
C TRP A 177 -5.83 2.16 19.47
N MET A 178 -4.57 1.80 19.81
CA MET A 178 -3.85 2.23 21.03
C MET A 178 -3.26 3.63 20.99
N ALA A 179 -3.49 4.40 22.07
CA ALA A 179 -3.01 5.77 22.25
C ALA A 179 -1.51 5.78 22.38
N PRO A 180 -0.83 6.87 21.95
CA PRO A 180 0.64 6.90 22.07
C PRO A 180 1.17 6.73 23.48
N GLU A 181 0.47 7.25 24.50
CA GLU A 181 0.96 7.08 25.88
C GLU A 181 0.94 5.59 26.34
N VAL A 182 0.00 4.78 25.80
CA VAL A 182 -0.14 3.33 26.09
C VAL A 182 1.04 2.60 25.43
N VAL A 183 1.28 2.88 24.14
CA VAL A 183 2.34 2.26 23.34
C VAL A 183 3.73 2.57 23.91
N THR A 184 3.96 3.82 24.35
CA THR A 184 5.26 4.27 24.85
C THR A 184 5.51 3.90 26.31
N ARG A 185 4.54 3.27 26.99
CA ARG A 185 4.66 2.82 28.40
C ARG A 185 4.73 3.98 29.41
N LYS A 186 3.85 4.97 29.25
CA LYS A 186 3.71 6.09 30.18
C LYS A 186 2.41 5.84 30.99
N ALA A 187 2.28 6.49 32.17
CA ALA A 187 1.06 6.36 32.97
C ALA A 187 -0.06 7.08 32.19
N TYR A 188 -1.14 6.34 31.93
CA TYR A 188 -2.26 6.80 31.11
C TYR A 188 -3.59 6.81 31.85
N GLY A 189 -4.54 7.62 31.37
CA GLY A 189 -5.85 7.77 31.98
C GLY A 189 -7.00 7.34 31.11
N PRO A 190 -8.26 7.72 31.51
CA PRO A 190 -9.43 7.33 30.71
C PRO A 190 -9.40 7.80 29.26
N LYS A 191 -8.73 8.95 29.01
CA LYS A 191 -8.57 9.58 27.70
C LYS A 191 -7.96 8.64 26.62
N VAL A 192 -7.49 7.46 27.02
CA VAL A 192 -6.98 6.46 26.06
C VAL A 192 -8.12 5.96 25.15
N ASP A 193 -9.33 5.81 25.72
CA ASP A 193 -10.56 5.39 25.05
C ASP A 193 -11.02 6.43 24.08
N ILE A 194 -10.77 7.72 24.36
CA ILE A 194 -11.11 8.84 23.47
C ILE A 194 -10.30 8.70 22.18
N TRP A 195 -8.99 8.44 22.33
CA TRP A 195 -8.06 8.21 21.24
C TRP A 195 -8.57 7.00 20.41
N SER A 196 -8.92 5.89 21.11
CA SER A 196 -9.43 4.70 20.44
C SER A 196 -10.71 5.00 19.63
N LEU A 197 -11.55 5.95 20.15
CA LEU A 197 -12.76 6.40 19.49
C LEU A 197 -12.45 7.20 18.22
N GLY A 198 -11.41 8.06 18.25
CA GLY A 198 -10.95 8.81 17.10
C GLY A 198 -10.51 7.86 16.00
N ILE A 199 -9.79 6.79 16.37
CA ILE A 199 -9.36 5.75 15.43
C ILE A 199 -10.57 5.03 14.87
N MET A 200 -11.59 4.79 15.70
CA MET A 200 -12.82 4.16 15.24
C MET A 200 -13.61 5.09 14.27
N ALA A 201 -13.52 6.42 14.46
CA ALA A 201 -14.09 7.44 13.58
C ALA A 201 -13.31 7.42 12.25
N ILE A 202 -11.96 7.19 12.31
CA ILE A 202 -11.14 7.05 11.08
C ILE A 202 -11.62 5.80 10.31
N GLU A 203 -11.90 4.70 11.02
CA GLU A 203 -12.46 3.47 10.45
C GLU A 203 -13.73 3.81 9.67
N MET A 204 -14.67 4.60 10.30
CA MET A 204 -15.95 5.00 9.75
C MET A 204 -15.78 5.78 8.44
N ILE A 205 -14.71 6.61 8.37
CA ILE A 205 -14.33 7.41 7.22
C ILE A 205 -13.65 6.58 6.10
N GLU A 206 -12.55 5.84 6.46
CA GLU A 206 -11.62 5.16 5.56
C GLU A 206 -11.81 3.65 5.38
N GLY A 207 -12.56 3.03 6.27
CA GLY A 207 -12.83 1.59 6.21
C GLY A 207 -11.95 0.77 7.10
N GLU A 208 -10.86 1.37 7.60
CA GLU A 208 -9.90 0.68 8.46
C GLU A 208 -9.04 1.66 9.28
N PRO A 209 -8.45 1.20 10.41
CA PRO A 209 -7.60 2.10 11.22
C PRO A 209 -6.26 2.39 10.54
N PRO A 210 -5.55 3.52 10.83
CA PRO A 210 -4.24 3.75 10.19
C PRO A 210 -3.30 2.58 10.40
N TYR A 211 -2.44 2.32 9.39
CA TYR A 211 -1.41 1.28 9.43
C TYR A 211 -1.93 -0.20 9.45
N LEU A 212 -3.21 -0.46 9.09
CA LEU A 212 -3.71 -1.85 9.11
C LEU A 212 -2.99 -2.79 8.11
N ASN A 213 -2.39 -2.26 7.05
CA ASN A 213 -1.63 -3.08 6.07
C ASN A 213 -0.31 -3.59 6.69
N GLU A 214 0.16 -2.91 7.75
CA GLU A 214 1.36 -3.22 8.49
C GLU A 214 1.09 -4.33 9.52
N ASN A 215 2.18 -4.88 10.08
CA ASN A 215 2.14 -5.89 11.13
C ASN A 215 1.99 -5.12 12.46
N PRO A 216 1.32 -5.71 13.50
CA PRO A 216 1.11 -4.98 14.77
C PRO A 216 2.32 -4.31 15.39
N LEU A 217 3.51 -4.89 15.25
CA LEU A 217 4.72 -4.32 15.81
C LEU A 217 5.17 -3.06 15.11
N ARG A 218 5.01 -3.01 13.77
CA ARG A 218 5.31 -1.85 12.92
C ARG A 218 4.34 -0.74 13.32
N ALA A 219 3.01 -1.07 13.41
CA ALA A 219 1.95 -0.15 13.83
C ALA A 219 2.32 0.52 15.15
N LEU A 220 2.73 -0.26 16.19
CA LEU A 220 3.22 0.25 17.50
C LEU A 220 4.30 1.32 17.33
N TYR A 221 5.29 1.05 16.48
CA TYR A 221 6.37 1.99 16.17
C TYR A 221 5.86 3.20 15.34
N LEU A 222 4.83 3.02 14.48
CA LEU A 222 4.29 4.12 13.67
C LEU A 222 3.42 5.08 14.47
N ILE A 223 2.68 4.56 15.46
CA ILE A 223 1.86 5.34 16.42
C ILE A 223 2.81 6.09 17.37
N ALA A 224 3.92 5.42 17.81
CA ALA A 224 4.90 6.01 18.72
C ALA A 224 5.66 7.20 18.10
N THR A 225 6.24 6.98 16.91
CA THR A 225 7.06 7.96 16.23
C THR A 225 6.31 9.00 15.36
N ASN A 226 5.08 8.70 14.87
CA ASN A 226 4.31 9.63 14.01
C ASN A 226 3.19 10.39 14.76
N GLY A 227 2.65 9.75 15.80
CA GLY A 227 1.58 10.32 16.60
C GLY A 227 0.23 10.39 15.90
N THR A 228 -0.31 11.65 15.76
CA THR A 228 -1.61 11.97 15.13
C THR A 228 -1.67 11.46 13.69
N PRO A 229 -2.52 10.46 13.44
CA PRO A 229 -2.56 9.88 12.10
C PRO A 229 -3.18 10.81 11.05
N GLU A 230 -2.48 10.94 9.91
CA GLU A 230 -2.91 11.77 8.78
C GLU A 230 -3.92 11.01 7.94
N LEU A 231 -4.99 11.69 7.51
CA LEU A 231 -6.04 11.07 6.72
C LEU A 231 -5.66 11.01 5.27
N GLN A 232 -6.22 10.04 4.52
CA GLN A 232 -6.01 9.87 3.08
C GLN A 232 -6.41 11.16 2.37
N ASN A 233 -7.67 11.59 2.59
CA ASN A 233 -8.25 12.78 1.98
C ASN A 233 -9.05 13.65 2.98
N PRO A 234 -8.31 14.41 3.85
CA PRO A 234 -8.96 15.30 4.85
C PRO A 234 -9.96 16.30 4.29
N GLU A 235 -9.69 16.82 3.08
CA GLU A 235 -10.50 17.81 2.34
C GLU A 235 -11.94 17.35 2.06
N LYS A 236 -12.20 16.04 2.15
CA LYS A 236 -13.51 15.44 1.94
C LYS A 236 -14.45 15.66 3.14
N LEU A 237 -13.91 15.96 4.35
CA LEU A 237 -14.68 16.16 5.58
C LEU A 237 -14.92 17.62 5.92
N SER A 238 -15.99 17.89 6.68
CA SER A 238 -16.32 19.25 7.11
C SER A 238 -15.31 19.74 8.14
N ALA A 239 -15.28 21.06 8.39
CA ALA A 239 -14.36 21.67 9.36
C ALA A 239 -14.66 21.23 10.79
N ILE A 240 -15.98 21.12 11.15
CA ILE A 240 -16.41 20.72 12.49
C ILE A 240 -16.09 19.24 12.71
N PHE A 241 -16.15 18.41 11.62
CA PHE A 241 -15.76 17.01 11.72
C PHE A 241 -14.23 16.94 11.84
N ARG A 242 -13.51 17.71 10.99
CA ARG A 242 -12.04 17.80 11.04
C ARG A 242 -11.57 18.22 12.46
N ASP A 243 -12.35 19.08 13.15
CA ASP A 243 -12.09 19.55 14.51
C ASP A 243 -12.35 18.49 15.56
N PHE A 244 -13.49 17.77 15.43
CA PHE A 244 -13.84 16.70 16.37
C PHE A 244 -12.70 15.67 16.40
N LEU A 245 -12.21 15.27 15.21
CA LEU A 245 -11.11 14.32 15.07
C LEU A 245 -9.80 14.80 15.62
N ASN A 246 -9.45 16.10 15.49
CA ASN A 246 -8.20 16.66 16.03
C ASN A 246 -8.28 16.63 17.56
N ARG A 247 -9.44 16.99 18.16
CA ARG A 247 -9.65 16.93 19.61
C ARG A 247 -9.56 15.50 20.13
N CYS A 248 -10.04 14.49 19.34
CA CYS A 248 -9.96 13.07 19.71
C CYS A 248 -8.53 12.58 19.64
N LEU A 249 -7.82 13.00 18.58
CA LEU A 249 -6.48 12.47 18.35
C LEU A 249 -5.30 13.40 18.76
N ASP A 250 -5.50 14.33 19.75
CA ASP A 250 -4.42 15.19 20.25
C ASP A 250 -3.43 14.40 21.13
N MET A 251 -2.12 14.59 20.86
CA MET A 251 -0.98 13.96 21.55
C MET A 251 -0.95 14.32 23.03
N ASP A 252 -1.20 15.61 23.36
CA ASP A 252 -1.26 16.15 24.73
C ASP A 252 -2.58 15.68 25.34
N VAL A 253 -2.46 14.83 26.40
CA VAL A 253 -3.59 14.23 27.13
C VAL A 253 -4.47 15.32 27.73
N GLU A 254 -3.85 16.37 28.31
CA GLU A 254 -4.59 17.50 28.88
C GLU A 254 -5.38 18.28 27.81
N LYS A 255 -4.82 18.39 26.59
CA LYS A 255 -5.43 19.06 25.44
C LYS A 255 -6.55 18.20 24.83
N ARG A 256 -6.35 16.83 24.77
CA ARG A 256 -7.32 15.85 24.28
C ARG A 256 -8.57 15.93 25.11
N GLY A 257 -9.72 15.94 24.46
CA GLY A 257 -11.00 16.07 25.15
C GLY A 257 -11.47 14.87 25.91
N SER A 258 -12.32 15.12 26.92
CA SER A 258 -12.96 14.07 27.72
C SER A 258 -14.27 13.70 27.00
N ALA A 259 -14.96 12.65 27.47
CA ALA A 259 -16.26 12.29 26.91
C ALA A 259 -17.27 13.38 27.31
N LYS A 260 -17.22 13.86 28.59
CA LYS A 260 -18.08 14.95 29.05
C LYS A 260 -17.99 16.17 28.07
N GLU A 261 -16.73 16.58 27.73
CA GLU A 261 -16.40 17.68 26.83
C GLU A 261 -16.77 17.40 25.37
N LEU A 262 -16.50 16.18 24.86
CA LEU A 262 -16.80 15.87 23.44
C LEU A 262 -18.28 15.68 23.15
N LEU A 263 -19.09 15.35 24.17
CA LEU A 263 -20.54 15.23 24.01
C LEU A 263 -21.22 16.57 23.63
N GLN A 264 -20.53 17.69 23.91
CA GLN A 264 -20.97 19.07 23.63
C GLN A 264 -20.42 19.62 22.29
N HIS A 265 -19.68 18.81 21.50
CA HIS A 265 -19.07 19.26 20.24
C HIS A 265 -20.09 19.55 19.14
N GLN A 266 -19.84 20.62 18.35
CA GLN A 266 -20.67 21.04 17.22
C GLN A 266 -20.92 19.89 16.22
N PHE A 267 -19.97 18.93 16.11
CA PHE A 267 -20.07 17.77 15.22
C PHE A 267 -21.27 16.89 15.54
N LEU A 268 -21.42 16.51 16.84
CA LEU A 268 -22.53 15.66 17.31
C LEU A 268 -23.94 16.31 17.15
N LYS A 269 -23.96 17.63 16.85
CA LYS A 269 -25.19 18.39 16.63
C LYS A 269 -25.76 18.11 15.24
N ILE A 270 -24.95 17.54 14.32
CA ILE A 270 -25.40 17.17 12.97
C ILE A 270 -25.83 15.70 12.92
N ALA A 271 -25.75 15.00 14.07
CA ALA A 271 -26.12 13.58 14.21
C ALA A 271 -27.55 13.33 13.81
N LYS A 272 -27.76 12.20 13.13
CA LYS A 272 -29.04 11.77 12.61
C LYS A 272 -29.77 10.84 13.59
N PRO A 273 -31.09 10.54 13.37
CA PRO A 273 -31.75 9.56 14.23
C PRO A 273 -31.00 8.25 14.07
N LEU A 274 -31.11 7.34 15.03
CA LEU A 274 -30.41 6.07 14.96
C LEU A 274 -31.03 5.11 13.94
N SER A 275 -32.27 5.39 13.50
CA SER A 275 -32.96 4.67 12.43
C SER A 275 -32.26 4.92 11.06
N SER A 276 -31.46 6.01 10.96
CA SER A 276 -30.67 6.34 9.78
C SER A 276 -29.50 5.36 9.61
N LEU A 277 -29.23 4.52 10.65
CA LEU A 277 -28.19 3.49 10.64
C LEU A 277 -28.73 2.14 10.14
N THR A 278 -30.07 1.99 10.04
CA THR A 278 -30.72 0.75 9.60
C THR A 278 -30.44 0.46 8.09
N PRO A 279 -30.32 1.44 7.14
CA PRO A 279 -29.94 1.07 5.76
C PRO A 279 -28.47 0.64 5.73
N LEU A 280 -27.61 1.15 6.63
CA LEU A 280 -26.21 0.69 6.73
C LEU A 280 -26.13 -0.77 7.14
N ILE A 281 -26.90 -1.18 8.15
CA ILE A 281 -27.01 -2.55 8.67
C ILE A 281 -27.49 -3.54 7.59
N ALA A 282 -28.46 -3.10 6.79
CA ALA A 282 -29.07 -3.81 5.71
C ALA A 282 -28.07 -4.08 4.59
N ALA A 283 -27.17 -3.10 4.31
CA ALA A 283 -26.16 -3.16 3.26
C ALA A 283 -25.01 -4.06 3.68
N ALA A 284 -24.54 -3.90 4.94
CA ALA A 284 -23.48 -4.72 5.56
C ALA A 284 -23.87 -6.22 5.48
N LYS A 285 -25.11 -6.56 5.88
CA LYS A 285 -25.64 -7.92 5.86
C LYS A 285 -25.69 -8.49 4.44
N GLU A 286 -26.09 -7.68 3.46
CA GLU A 286 -26.13 -8.05 2.04
C GLU A 286 -24.70 -8.23 1.46
N ALA A 287 -23.77 -7.36 1.89
CA ALA A 287 -22.36 -7.35 1.48
C ALA A 287 -21.58 -8.55 2.04
N THR A 288 -21.83 -8.92 3.29
CA THR A 288 -21.14 -10.06 3.90
C THR A 288 -21.89 -11.42 3.63
N LYS A 289 -23.02 -11.38 2.90
CA LYS A 289 -23.87 -12.53 2.54
C LYS A 289 -23.21 -13.32 1.38
N GLU B 2 15.69 -2.65 6.99
CA GLU B 2 16.94 -1.90 7.01
C GLU B 2 16.66 -0.36 6.90
N LYS B 3 17.64 0.44 6.38
CA LYS B 3 17.57 1.90 6.24
C LYS B 3 16.69 2.37 5.06
N LEU B 4 16.08 1.42 4.32
CA LEU B 4 15.17 1.68 3.22
C LEU B 4 13.79 2.12 3.73
N ARG B 5 13.51 1.83 5.01
CA ARG B 5 12.27 2.20 5.72
C ARG B 5 12.10 3.72 5.76
N SER B 6 13.21 4.45 5.58
CA SER B 6 13.26 5.90 5.56
C SER B 6 12.77 6.44 4.21
N ILE B 7 13.06 5.71 3.09
CA ILE B 7 12.74 6.03 1.68
C ILE B 7 11.30 5.68 1.27
N VAL B 8 10.87 4.43 1.59
CA VAL B 8 9.56 3.88 1.24
C VAL B 8 8.41 4.66 1.88
N SER B 9 7.33 4.85 1.10
CA SER B 9 6.11 5.55 1.46
C SER B 9 5.26 4.74 2.44
N VAL B 10 4.34 5.41 3.16
CA VAL B 10 3.54 4.80 4.23
C VAL B 10 2.22 4.12 3.75
N GLY B 11 1.65 4.58 2.63
CA GLY B 11 0.37 4.08 2.13
C GLY B 11 0.29 2.59 1.80
N ASP B 12 -0.93 2.11 1.46
CA ASP B 12 -1.13 0.73 1.04
C ASP B 12 -1.18 0.74 -0.48
N PRO B 13 -0.14 0.17 -1.17
CA PRO B 13 -0.11 0.20 -2.64
C PRO B 13 -1.20 -0.61 -3.33
N LYS B 14 -1.75 -1.60 -2.61
CA LYS B 14 -2.82 -2.45 -3.09
C LYS B 14 -4.15 -1.67 -3.22
N LYS B 15 -4.23 -0.51 -2.55
CA LYS B 15 -5.36 0.42 -2.52
C LYS B 15 -5.19 1.61 -3.51
N LYS B 16 -3.92 2.03 -3.73
CA LYS B 16 -3.49 3.16 -4.57
C LYS B 16 -3.36 2.79 -6.04
N TYR B 17 -3.24 1.47 -6.29
CA TYR B 17 -3.10 0.90 -7.64
C TYR B 17 -4.12 -0.18 -7.91
N THR B 18 -4.59 -0.25 -9.15
CA THR B 18 -5.58 -1.23 -9.62
C THR B 18 -5.05 -1.88 -10.90
N ARG B 19 -5.79 -2.86 -11.47
CA ARG B 19 -5.51 -3.49 -12.78
C ARG B 19 -4.09 -4.01 -12.94
N PHE B 20 -3.61 -4.83 -12.00
CA PHE B 20 -2.25 -5.37 -12.07
C PHE B 20 -2.12 -6.38 -13.23
N GLU B 21 -0.96 -6.38 -13.90
CA GLU B 21 -0.67 -7.27 -15.04
C GLU B 21 0.80 -7.67 -15.10
N LYS B 22 1.11 -8.93 -14.70
CA LYS B 22 2.47 -9.54 -14.72
C LYS B 22 2.96 -9.52 -16.17
N ILE B 23 4.05 -8.77 -16.42
CA ILE B 23 4.60 -8.62 -17.77
C ILE B 23 5.92 -9.40 -17.93
N GLY B 24 7.00 -8.93 -17.30
CA GLY B 24 8.31 -9.55 -17.35
C GLY B 24 8.56 -10.48 -16.18
N GLY B 29 12.22 -8.96 -8.85
CA GLY B 29 11.67 -10.06 -9.64
C GLY B 29 10.18 -9.95 -9.95
N THR B 30 9.83 -10.03 -11.27
CA THR B 30 8.50 -9.92 -11.89
C THR B 30 7.96 -8.48 -11.76
N VAL B 31 7.94 -7.79 -12.90
CA VAL B 31 7.44 -6.44 -13.04
C VAL B 31 5.99 -6.62 -13.43
N TYR B 32 5.13 -5.68 -13.01
CA TYR B 32 3.70 -5.65 -13.30
C TYR B 32 3.35 -4.30 -13.87
N THR B 33 2.28 -4.24 -14.65
CA THR B 33 1.77 -2.98 -15.18
C THR B 33 0.48 -2.73 -14.39
N ALA B 34 0.33 -1.51 -13.84
CA ALA B 34 -0.86 -1.15 -13.03
C ALA B 34 -1.31 0.28 -13.31
N MET B 35 -2.36 0.74 -12.64
CA MET B 35 -2.89 2.08 -12.87
C MET B 35 -3.17 2.75 -11.56
N ASP B 36 -2.84 4.04 -11.48
CA ASP B 36 -3.09 4.89 -10.33
C ASP B 36 -4.62 5.07 -10.29
N VAL B 37 -5.19 4.72 -9.17
CA VAL B 37 -6.62 4.72 -8.90
C VAL B 37 -7.23 6.14 -8.76
N ALA B 38 -6.38 7.18 -8.59
CA ALA B 38 -6.83 8.55 -8.43
C ALA B 38 -6.50 9.46 -9.61
N THR B 39 -5.48 9.11 -10.42
CA THR B 39 -5.09 9.95 -11.56
C THR B 39 -5.20 9.28 -12.93
N GLY B 40 -5.39 7.95 -12.95
CA GLY B 40 -5.46 7.20 -14.20
C GLY B 40 -4.11 7.00 -14.88
N GLN B 41 -3.03 7.39 -14.20
CA GLN B 41 -1.67 7.20 -14.67
C GLN B 41 -1.32 5.73 -14.64
N GLU B 42 -0.84 5.21 -15.77
CA GLU B 42 -0.39 3.82 -15.96
C GLU B 42 1.05 3.73 -15.48
N VAL B 43 1.35 2.75 -14.64
CA VAL B 43 2.67 2.59 -14.03
C VAL B 43 3.22 1.16 -14.20
N ALA B 44 4.55 1.02 -13.98
CA ALA B 44 5.27 -0.26 -13.88
C ALA B 44 5.58 -0.43 -12.39
N ILE B 45 5.37 -1.63 -11.84
CA ILE B 45 5.65 -1.90 -10.41
C ILE B 45 6.54 -3.12 -10.26
N LYS B 46 7.81 -2.91 -9.88
CA LYS B 46 8.76 -4.01 -9.65
C LYS B 46 8.63 -4.47 -8.22
N GLN B 47 8.53 -5.80 -7.99
CA GLN B 47 8.40 -6.38 -6.63
C GLN B 47 9.64 -7.21 -6.24
N MET B 48 10.23 -6.97 -5.05
CA MET B 48 11.42 -7.70 -4.61
C MET B 48 11.32 -8.25 -3.20
N ASN B 49 11.30 -9.59 -3.06
CA ASN B 49 11.30 -10.26 -1.74
C ASN B 49 12.72 -10.07 -1.19
N LEU B 50 12.88 -9.18 -0.21
CA LEU B 50 14.20 -8.87 0.36
C LEU B 50 14.80 -10.00 1.22
N GLN B 51 14.39 -11.25 0.92
CA GLN B 51 14.88 -12.48 1.54
C GLN B 51 15.68 -13.24 0.47
N GLN B 52 15.08 -13.44 -0.74
CA GLN B 52 15.72 -14.14 -1.87
C GLN B 52 16.80 -13.28 -2.56
N GLN B 53 16.46 -12.01 -2.94
CA GLN B 53 17.36 -11.03 -3.58
C GLN B 53 18.52 -10.72 -2.59
N PRO B 54 19.77 -11.16 -2.88
CA PRO B 54 20.85 -11.00 -1.88
C PRO B 54 21.68 -9.71 -1.97
N LYS B 55 21.46 -8.88 -3.04
CA LYS B 55 22.16 -7.61 -3.26
C LYS B 55 21.52 -6.49 -2.39
N LYS B 56 21.15 -6.85 -1.14
CA LYS B 56 20.47 -6.06 -0.11
C LYS B 56 20.97 -4.63 0.06
N GLU B 57 22.27 -4.38 -0.18
CA GLU B 57 22.84 -3.03 -0.07
C GLU B 57 22.78 -2.30 -1.40
N LEU B 58 22.98 -3.04 -2.51
CA LEU B 58 22.95 -2.50 -3.88
C LEU B 58 21.54 -2.07 -4.31
N ILE B 59 20.50 -2.63 -3.63
CA ILE B 59 19.11 -2.32 -3.94
C ILE B 59 18.74 -0.93 -3.39
N ILE B 60 18.98 -0.68 -2.11
CA ILE B 60 18.67 0.59 -1.43
C ILE B 60 19.32 1.78 -2.14
N ASN B 61 20.64 1.69 -2.38
CA ASN B 61 21.45 2.71 -3.04
C ASN B 61 20.94 3.05 -4.44
N GLU B 62 20.66 2.02 -5.27
CA GLU B 62 20.13 2.18 -6.63
C GLU B 62 18.81 2.98 -6.62
N ILE B 63 17.89 2.64 -5.69
CA ILE B 63 16.59 3.28 -5.51
C ILE B 63 16.77 4.77 -5.13
N LEU B 64 17.74 5.07 -4.23
CA LEU B 64 18.11 6.40 -3.78
C LEU B 64 18.74 7.19 -4.93
N VAL B 65 19.48 6.49 -5.80
CA VAL B 65 20.13 7.04 -7.00
C VAL B 65 19.03 7.58 -7.96
N MET B 66 17.98 6.76 -8.18
CA MET B 66 16.84 7.07 -9.03
C MET B 66 16.00 8.24 -8.52
N ARG B 67 15.53 8.19 -7.25
CA ARG B 67 14.68 9.22 -6.65
C ARG B 67 15.28 10.64 -6.77
N GLU B 68 16.52 10.81 -6.27
CA GLU B 68 17.23 12.08 -6.29
C GLU B 68 17.61 12.57 -7.70
N ASN B 69 17.88 11.64 -8.64
CA ASN B 69 18.28 12.01 -10.00
C ASN B 69 17.26 11.59 -11.10
N LYS B 70 16.26 12.46 -11.32
CA LYS B 70 15.19 12.27 -12.31
C LYS B 70 15.46 13.01 -13.66
N ASN B 71 14.87 12.53 -14.78
CA ASN B 71 15.04 13.08 -16.12
C ASN B 71 13.83 12.75 -17.04
N PRO B 72 13.38 13.70 -17.91
CA PRO B 72 12.24 13.38 -18.79
C PRO B 72 12.51 12.30 -19.85
N ASN B 73 13.79 12.06 -20.20
CA ASN B 73 14.11 11.05 -21.21
C ASN B 73 14.49 9.66 -20.63
N ILE B 74 14.40 9.46 -19.31
CA ILE B 74 14.60 8.13 -18.70
C ILE B 74 13.25 7.74 -18.06
N VAL B 75 13.00 6.44 -17.86
CA VAL B 75 11.79 5.94 -17.15
C VAL B 75 12.05 6.27 -15.68
N ASN B 76 11.23 7.15 -15.07
CA ASN B 76 11.51 7.60 -13.70
C ASN B 76 10.85 6.81 -12.58
N TYR B 77 11.53 6.77 -11.43
CA TYR B 77 11.06 6.24 -10.18
C TYR B 77 9.93 7.20 -9.74
N LEU B 78 8.79 6.66 -9.33
CA LEU B 78 7.66 7.41 -8.81
C LEU B 78 7.62 7.26 -7.31
N ASP B 79 7.49 6.02 -6.81
CA ASP B 79 7.40 5.71 -5.38
C ASP B 79 7.94 4.33 -5.05
N SER B 80 8.00 4.03 -3.75
CA SER B 80 8.43 2.74 -3.23
C SER B 80 7.62 2.44 -1.99
N TYR B 81 7.30 1.16 -1.80
CA TYR B 81 6.50 0.67 -0.67
C TYR B 81 7.12 -0.59 -0.10
N LEU B 82 6.98 -0.82 1.22
CA LEU B 82 7.46 -2.07 1.80
C LEU B 82 6.24 -2.94 2.09
N VAL B 83 5.95 -3.89 1.18
CA VAL B 83 4.78 -4.79 1.20
C VAL B 83 5.16 -6.16 1.73
N GLY B 84 4.94 -6.37 3.02
CA GLY B 84 5.29 -7.60 3.71
C GLY B 84 6.79 -7.79 3.68
N ASP B 85 7.24 -8.88 3.04
CA ASP B 85 8.68 -9.18 2.86
C ASP B 85 9.18 -8.43 1.64
N GLU B 86 8.30 -8.31 0.63
CA GLU B 86 8.56 -7.63 -0.62
C GLU B 86 8.75 -6.11 -0.46
N LEU B 87 9.43 -5.53 -1.43
CA LEU B 87 9.66 -4.11 -1.60
C LEU B 87 9.06 -3.82 -2.98
N TRP B 88 8.21 -2.82 -3.09
CA TRP B 88 7.64 -2.47 -4.38
C TRP B 88 8.21 -1.17 -4.81
N VAL B 89 8.58 -1.08 -6.10
CA VAL B 89 9.11 0.13 -6.71
C VAL B 89 8.21 0.46 -7.87
N VAL B 90 7.63 1.65 -7.80
CA VAL B 90 6.69 2.17 -8.77
C VAL B 90 7.41 3.11 -9.71
N MET B 91 7.39 2.83 -11.01
CA MET B 91 7.95 3.71 -12.02
C MET B 91 6.95 4.00 -13.13
N GLU B 92 7.23 5.05 -13.96
CA GLU B 92 6.39 5.41 -15.09
C GLU B 92 6.39 4.27 -16.12
N TYR B 93 5.31 4.12 -16.88
CA TYR B 93 5.22 3.15 -17.94
C TYR B 93 4.74 3.88 -19.19
N LEU B 94 5.12 3.38 -20.38
CA LEU B 94 4.69 3.97 -21.65
C LEU B 94 4.04 2.86 -22.46
N ALA B 95 2.85 3.14 -23.01
CA ALA B 95 2.03 2.18 -23.74
C ALA B 95 2.43 1.91 -25.21
N GLY B 96 3.18 2.79 -25.83
CA GLY B 96 3.61 2.63 -27.23
C GLY B 96 4.59 1.50 -27.50
N GLY B 97 5.02 0.83 -26.44
CA GLY B 97 5.92 -0.31 -26.49
C GLY B 97 7.37 0.07 -26.69
N SER B 98 8.18 -0.93 -27.14
CA SER B 98 9.61 -0.81 -27.37
C SER B 98 9.92 -0.34 -28.78
N LEU B 99 11.14 0.18 -28.97
CA LEU B 99 11.65 0.57 -30.26
C LEU B 99 11.80 -0.67 -31.15
N THR B 100 12.12 -1.82 -30.57
CA THR B 100 12.25 -3.07 -31.34
C THR B 100 11.03 -3.33 -32.22
N ASP B 101 9.81 -3.09 -31.72
CA ASP B 101 8.59 -3.38 -32.49
C ASP B 101 8.32 -2.36 -33.56
N VAL B 102 8.78 -1.13 -33.37
CA VAL B 102 8.68 -0.07 -34.36
C VAL B 102 9.72 -0.38 -35.44
N VAL B 103 10.94 -0.70 -35.04
CA VAL B 103 12.06 -1.09 -35.92
C VAL B 103 11.69 -2.29 -36.79
N THR B 104 10.94 -3.26 -36.26
CA THR B 104 10.65 -4.45 -37.05
C THR B 104 9.30 -4.42 -37.78
N GLU B 105 8.35 -3.59 -37.36
CA GLU B 105 7.02 -3.61 -37.97
C GLU B 105 6.73 -2.40 -38.89
N THR B 106 7.74 -1.54 -39.10
CA THR B 106 7.71 -0.35 -39.95
C THR B 106 9.10 -0.14 -40.50
N CYS B 107 9.26 0.82 -41.42
CA CYS B 107 10.60 1.23 -41.84
C CYS B 107 10.71 2.73 -41.71
N MET B 108 11.61 3.13 -40.82
CA MET B 108 11.77 4.51 -40.40
C MET B 108 12.60 5.38 -41.35
N ASP B 109 12.16 6.62 -41.57
CA ASP B 109 12.93 7.58 -42.35
C ASP B 109 13.93 8.23 -41.40
N GLU B 110 14.95 8.89 -41.98
CA GLU B 110 16.05 9.52 -41.26
C GLU B 110 15.60 10.60 -40.28
N GLY B 111 14.52 11.30 -40.57
CA GLY B 111 14.00 12.32 -39.68
C GLY B 111 13.44 11.75 -38.38
N GLN B 112 12.82 10.57 -38.45
CA GLN B 112 12.25 9.89 -37.29
C GLN B 112 13.40 9.28 -36.44
N ILE B 113 14.44 8.75 -37.11
CA ILE B 113 15.66 8.22 -36.49
C ILE B 113 16.41 9.38 -35.77
N ALA B 114 16.56 10.55 -36.42
CA ALA B 114 17.20 11.73 -35.83
C ALA B 114 16.48 12.18 -34.55
N ALA B 115 15.13 12.13 -34.56
CA ALA B 115 14.28 12.46 -33.42
C ALA B 115 14.54 11.51 -32.24
N VAL B 116 14.79 10.20 -32.52
CA VAL B 116 15.04 9.18 -31.52
C VAL B 116 16.40 9.37 -30.96
N CYS B 117 17.38 9.63 -31.82
CA CYS B 117 18.76 9.82 -31.42
C CYS B 117 18.93 11.04 -30.52
N ARG B 118 18.25 12.16 -30.86
CA ARG B 118 18.25 13.39 -30.04
C ARG B 118 17.75 13.08 -28.61
N GLU B 119 16.67 12.27 -28.49
CA GLU B 119 16.06 11.94 -27.20
C GLU B 119 16.91 10.96 -26.35
N CYS B 120 17.69 10.08 -26.98
CA CYS B 120 18.57 9.13 -26.31
C CYS B 120 19.86 9.79 -25.89
N LEU B 121 20.28 10.81 -26.63
CA LEU B 121 21.52 11.54 -26.37
C LEU B 121 21.31 12.52 -25.21
N GLN B 122 20.06 13.00 -25.01
CA GLN B 122 19.69 13.88 -23.90
C GLN B 122 19.64 13.05 -22.61
N ALA B 123 19.13 11.81 -22.70
CA ALA B 123 19.09 10.86 -21.59
C ALA B 123 20.53 10.53 -21.19
N LEU B 124 21.41 10.29 -22.20
CA LEU B 124 22.82 9.97 -22.02
C LEU B 124 23.64 11.12 -21.51
N GLU B 125 23.35 12.35 -21.98
CA GLU B 125 24.02 13.56 -21.48
C GLU B 125 23.79 13.67 -19.97
N PHE B 126 22.55 13.39 -19.54
CA PHE B 126 22.17 13.42 -18.14
C PHE B 126 22.87 12.28 -17.37
N LEU B 127 22.69 11.01 -17.81
CA LEU B 127 23.28 9.84 -17.18
C LEU B 127 24.79 9.97 -16.95
N HIS B 128 25.54 10.37 -17.97
CA HIS B 128 26.99 10.52 -17.91
C HIS B 128 27.44 11.68 -16.99
N SER B 129 26.60 12.73 -16.88
CA SER B 129 26.85 13.86 -15.98
C SER B 129 26.80 13.35 -14.52
N ASN B 130 26.00 12.29 -14.26
CA ASN B 130 25.91 11.65 -12.96
C ASN B 130 26.76 10.36 -12.94
N GLN B 131 27.83 10.31 -13.78
CA GLN B 131 28.83 9.23 -13.89
C GLN B 131 28.24 7.81 -14.06
N VAL B 132 26.97 7.71 -14.56
CA VAL B 132 26.21 6.47 -14.77
C VAL B 132 26.44 5.96 -16.18
N ILE B 133 26.73 4.67 -16.31
CA ILE B 133 26.91 4.04 -17.62
C ILE B 133 25.78 3.02 -17.76
N HIS B 134 24.81 3.31 -18.68
CA HIS B 134 23.65 2.46 -18.90
C HIS B 134 24.04 1.00 -19.21
N ARG B 135 25.04 0.83 -20.08
CA ARG B 135 25.61 -0.44 -20.56
C ARG B 135 24.70 -1.21 -21.56
N ASN B 136 23.41 -0.84 -21.70
CA ASN B 136 22.53 -1.60 -22.59
C ASN B 136 21.64 -0.75 -23.52
N ILE B 137 22.25 0.14 -24.31
CA ILE B 137 21.51 0.96 -25.27
C ILE B 137 21.17 0.03 -26.43
N LYS B 138 19.93 -0.43 -26.44
CA LYS B 138 19.35 -1.29 -27.48
C LYS B 138 17.88 -0.99 -27.59
N SER B 139 17.30 -1.26 -28.76
CA SER B 139 15.90 -0.96 -29.09
C SER B 139 14.89 -1.46 -28.04
N ASP B 140 15.21 -2.59 -27.42
CA ASP B 140 14.42 -3.25 -26.36
C ASP B 140 14.25 -2.37 -25.12
N ASN B 141 15.25 -1.54 -24.85
CA ASN B 141 15.38 -0.64 -23.70
C ASN B 141 14.98 0.79 -23.97
N ILE B 142 14.30 0.97 -25.09
CA ILE B 142 13.79 2.25 -25.49
C ILE B 142 12.30 2.13 -25.48
N LEU B 143 11.68 2.81 -24.52
CA LEU B 143 10.23 2.85 -24.38
C LEU B 143 9.62 4.07 -25.09
N LEU B 144 8.47 3.85 -25.71
CA LEU B 144 7.76 4.90 -26.45
C LEU B 144 6.37 5.12 -25.90
N GLY B 145 5.99 6.40 -25.72
CA GLY B 145 4.67 6.85 -25.27
C GLY B 145 3.78 7.13 -26.45
N MET B 146 2.47 7.30 -26.21
CA MET B 146 1.49 7.52 -27.28
C MET B 146 1.56 8.93 -27.85
N ASP B 147 2.27 9.84 -27.18
CA ASP B 147 2.42 11.21 -27.67
C ASP B 147 3.73 11.31 -28.51
N GLY B 148 4.41 10.16 -28.64
CA GLY B 148 5.67 10.02 -29.35
C GLY B 148 6.89 10.13 -28.44
N SER B 149 6.68 10.37 -27.14
CA SER B 149 7.81 10.54 -26.22
C SER B 149 8.71 9.31 -26.20
N VAL B 150 10.03 9.55 -26.01
CA VAL B 150 11.06 8.51 -26.02
C VAL B 150 11.69 8.43 -24.65
N LYS B 151 11.86 7.21 -24.07
CA LYS B 151 12.47 7.02 -22.74
C LYS B 151 13.39 5.82 -22.58
N LEU B 152 14.53 6.05 -21.93
CA LEU B 152 15.48 5.00 -21.59
C LEU B 152 14.97 4.13 -20.42
N THR B 153 15.32 2.82 -20.41
CA THR B 153 14.99 1.85 -19.35
C THR B 153 16.11 0.80 -19.23
N ASP B 154 16.26 0.17 -18.02
CA ASP B 154 17.29 -0.86 -17.66
C ASP B 154 18.74 -0.42 -17.91
N SER B 166 31.16 -14.78 -16.47
CA SER B 166 32.28 -15.70 -16.22
C SER B 166 32.97 -16.11 -17.51
N LYS B 167 34.30 -16.26 -17.46
CA LYS B 167 35.09 -16.73 -18.61
C LYS B 167 34.76 -18.22 -18.87
N ARG B 168 34.42 -18.95 -17.81
CA ARG B 168 34.06 -20.38 -17.84
C ARG B 168 32.72 -20.62 -18.53
N SER B 169 31.83 -19.63 -18.49
CA SER B 169 30.51 -19.66 -19.10
C SER B 169 30.59 -19.62 -20.60
N GLU B 170 29.62 -20.26 -21.24
CA GLU B 170 29.49 -20.25 -22.69
C GLU B 170 28.56 -19.12 -23.03
N MET B 171 28.91 -18.44 -24.11
CA MET B 171 28.18 -17.30 -24.64
C MET B 171 27.04 -17.78 -25.53
N VAL B 172 25.82 -17.58 -25.08
CA VAL B 172 24.59 -17.82 -25.83
C VAL B 172 24.02 -16.42 -26.03
N GLY B 173 23.64 -16.09 -27.25
CA GLY B 173 23.14 -14.75 -27.54
C GLY B 173 24.29 -13.83 -27.85
N THR B 174 24.19 -13.10 -28.98
CA THR B 174 25.27 -12.21 -29.39
C THR B 174 25.10 -10.82 -28.73
N PRO B 175 26.21 -10.26 -28.16
CA PRO B 175 26.12 -8.92 -27.52
C PRO B 175 26.47 -7.83 -28.55
N TYR B 176 25.65 -7.78 -29.59
CA TYR B 176 25.79 -6.89 -30.75
C TYR B 176 25.95 -5.40 -30.40
N TRP B 177 25.40 -4.92 -29.26
CA TRP B 177 25.47 -3.50 -28.88
C TRP B 177 26.79 -3.06 -28.24
N MET B 178 27.51 -3.99 -27.60
CA MET B 178 28.75 -3.76 -26.86
C MET B 178 29.91 -3.20 -27.68
N ALA B 179 30.54 -2.12 -27.14
CA ALA B 179 31.70 -1.47 -27.74
C ALA B 179 32.90 -2.43 -27.80
N PRO B 180 33.87 -2.19 -28.71
CA PRO B 180 35.03 -3.09 -28.77
C PRO B 180 35.81 -3.17 -27.47
N GLU B 181 35.89 -2.06 -26.66
CA GLU B 181 36.61 -2.06 -25.37
C GLU B 181 35.89 -2.90 -24.25
N VAL B 182 34.59 -3.18 -24.41
CA VAL B 182 33.80 -3.99 -23.48
C VAL B 182 34.09 -5.46 -23.77
N VAL B 183 34.09 -5.79 -25.08
CA VAL B 183 34.35 -7.12 -25.61
C VAL B 183 35.79 -7.56 -25.28
N THR B 184 36.81 -6.67 -25.52
CA THR B 184 38.24 -6.93 -25.25
C THR B 184 38.52 -6.93 -23.77
N ARG B 185 37.46 -6.83 -22.95
CA ARG B 185 37.41 -6.83 -21.49
C ARG B 185 38.30 -5.76 -20.84
N LYS B 186 38.58 -4.65 -21.58
CA LYS B 186 39.37 -3.55 -21.03
C LYS B 186 38.51 -2.79 -20.04
N ALA B 187 39.07 -1.75 -19.39
CA ALA B 187 38.30 -0.87 -18.50
C ALA B 187 37.66 0.13 -19.48
N TYR B 188 36.36 0.46 -19.26
CA TYR B 188 35.62 1.33 -20.16
C TYR B 188 34.98 2.53 -19.43
N GLY B 189 34.46 3.47 -20.24
CA GLY B 189 33.80 4.67 -19.77
C GLY B 189 32.44 4.87 -20.39
N PRO B 190 31.82 6.05 -20.20
CA PRO B 190 30.49 6.29 -20.75
C PRO B 190 30.39 6.33 -22.27
N LYS B 191 31.51 6.31 -23.00
CA LYS B 191 31.45 6.30 -24.46
C LYS B 191 31.10 4.91 -25.03
N VAL B 192 30.74 3.96 -24.16
CA VAL B 192 30.30 2.64 -24.62
C VAL B 192 28.83 2.75 -25.02
N ASP B 193 28.13 3.67 -24.34
CA ASP B 193 26.75 4.02 -24.56
C ASP B 193 26.55 4.68 -25.93
N ILE B 194 27.50 5.52 -26.35
CA ILE B 194 27.53 6.23 -27.63
C ILE B 194 27.69 5.22 -28.79
N TRP B 195 28.61 4.23 -28.61
CA TRP B 195 28.84 3.13 -29.55
C TRP B 195 27.52 2.42 -29.77
N SER B 196 26.92 1.91 -28.67
CA SER B 196 25.65 1.17 -28.65
C SER B 196 24.54 1.86 -29.43
N LEU B 197 24.47 3.19 -29.28
CA LEU B 197 23.53 4.08 -29.95
C LEU B 197 23.78 4.09 -31.47
N GLY B 198 25.05 4.07 -31.88
CA GLY B 198 25.44 3.99 -33.28
C GLY B 198 24.94 2.71 -33.89
N ILE B 199 24.96 1.61 -33.10
CA ILE B 199 24.48 0.27 -33.46
C ILE B 199 22.97 0.32 -33.54
N MET B 200 22.34 1.10 -32.61
CA MET B 200 20.89 1.23 -32.60
C MET B 200 20.42 2.09 -33.77
N ALA B 201 21.22 3.06 -34.22
CA ALA B 201 20.82 3.85 -35.37
C ALA B 201 20.89 2.98 -36.62
N ILE B 202 21.91 2.10 -36.72
CA ILE B 202 22.01 1.13 -37.82
C ILE B 202 20.79 0.21 -37.80
N GLU B 203 20.41 -0.30 -36.59
CA GLU B 203 19.28 -1.20 -36.39
C GLU B 203 18.07 -0.56 -36.96
N MET B 204 17.77 0.65 -36.46
CA MET B 204 16.65 1.47 -36.92
C MET B 204 16.62 1.60 -38.43
N ILE B 205 17.74 1.89 -39.10
CA ILE B 205 17.74 2.06 -40.56
C ILE B 205 17.72 0.71 -41.32
N GLU B 206 18.30 -0.37 -40.78
CA GLU B 206 18.36 -1.70 -41.41
C GLU B 206 17.14 -2.59 -41.18
N GLY B 207 16.41 -2.33 -40.09
CA GLY B 207 15.24 -3.07 -39.66
C GLY B 207 15.53 -4.25 -38.74
N GLU B 208 16.83 -4.55 -38.51
CA GLU B 208 17.26 -5.66 -37.68
C GLU B 208 18.64 -5.41 -37.05
N PRO B 209 18.93 -6.00 -35.86
CA PRO B 209 20.27 -5.78 -35.27
C PRO B 209 21.41 -6.36 -36.12
N PRO B 210 22.63 -5.79 -36.04
CA PRO B 210 23.75 -6.39 -36.79
C PRO B 210 24.18 -7.72 -36.16
N TYR B 211 25.01 -8.50 -36.90
CA TYR B 211 25.57 -9.78 -36.45
C TYR B 211 24.52 -10.92 -36.22
N LEU B 212 23.28 -10.71 -36.72
CA LEU B 212 22.11 -11.60 -36.65
C LEU B 212 22.33 -13.04 -37.17
N ASN B 213 23.17 -13.20 -38.19
CA ASN B 213 23.49 -14.48 -38.84
C ASN B 213 24.63 -15.24 -38.14
N GLU B 214 25.50 -14.49 -37.40
CA GLU B 214 26.69 -15.00 -36.72
C GLU B 214 26.50 -15.55 -35.33
N ASN B 215 27.41 -16.48 -34.95
CA ASN B 215 27.48 -17.09 -33.63
C ASN B 215 28.10 -16.04 -32.71
N PRO B 216 27.71 -16.01 -31.41
CA PRO B 216 28.21 -14.94 -30.52
C PRO B 216 29.72 -14.68 -30.51
N LEU B 217 30.53 -15.74 -30.64
CA LEU B 217 31.98 -15.66 -30.60
C LEU B 217 32.57 -15.02 -31.81
N ARG B 218 31.95 -15.27 -32.98
CA ARG B 218 32.36 -14.66 -34.23
C ARG B 218 31.97 -13.17 -34.18
N ALA B 219 30.78 -12.85 -33.62
CA ALA B 219 30.36 -11.45 -33.49
C ALA B 219 31.35 -10.68 -32.61
N LEU B 220 31.84 -11.30 -31.50
CA LEU B 220 32.85 -10.77 -30.58
C LEU B 220 34.17 -10.48 -31.28
N TYR B 221 34.68 -11.44 -32.08
CA TYR B 221 35.91 -11.25 -32.84
C TYR B 221 35.76 -10.00 -33.74
N LEU B 222 34.64 -9.93 -34.50
CA LEU B 222 34.32 -8.84 -35.42
C LEU B 222 34.17 -7.48 -34.73
N ILE B 223 33.41 -7.42 -33.61
CA ILE B 223 33.27 -6.19 -32.82
C ILE B 223 34.65 -5.73 -32.38
N ALA B 224 35.56 -6.67 -32.00
CA ALA B 224 36.90 -6.30 -31.54
C ALA B 224 37.84 -5.88 -32.69
N THR B 225 37.89 -6.63 -33.80
CA THR B 225 38.80 -6.29 -34.87
C THR B 225 38.28 -5.14 -35.71
N ASN B 226 37.19 -5.32 -36.49
CA ASN B 226 36.64 -4.26 -37.36
C ASN B 226 35.81 -3.19 -36.64
N GLY B 227 35.32 -3.54 -35.45
CA GLY B 227 34.46 -2.69 -34.64
C GLY B 227 33.04 -2.65 -35.16
N THR B 228 32.77 -1.61 -36.00
CA THR B 228 31.46 -1.37 -36.62
C THR B 228 31.16 -2.42 -37.68
N PRO B 229 29.91 -2.95 -37.73
CA PRO B 229 29.58 -3.88 -38.83
C PRO B 229 29.45 -3.04 -40.12
N GLU B 230 30.09 -3.49 -41.21
CA GLU B 230 30.06 -2.75 -42.46
C GLU B 230 28.66 -2.77 -43.08
N LEU B 231 28.06 -1.55 -43.23
CA LEU B 231 26.71 -1.26 -43.71
C LEU B 231 26.25 -2.15 -44.85
N GLN B 232 25.09 -2.84 -44.64
CA GLN B 232 24.43 -3.72 -45.63
C GLN B 232 24.41 -2.99 -46.97
N ASN B 233 23.85 -1.75 -46.98
CA ASN B 233 23.75 -0.88 -48.14
C ASN B 233 24.10 0.60 -47.76
N PRO B 234 25.33 1.09 -48.06
CA PRO B 234 25.69 2.47 -47.68
C PRO B 234 25.05 3.57 -48.52
N GLU B 235 24.88 3.32 -49.83
CA GLU B 235 24.25 4.23 -50.80
C GLU B 235 22.85 4.70 -50.35
N LYS B 236 22.18 3.86 -49.53
CA LYS B 236 20.86 4.08 -48.95
C LYS B 236 20.82 5.18 -47.88
N LEU B 237 21.98 5.53 -47.24
CA LEU B 237 22.01 6.56 -46.20
C LEU B 237 22.52 7.89 -46.71
N SER B 238 22.05 8.97 -46.10
CA SER B 238 22.51 10.30 -46.45
C SER B 238 23.92 10.47 -45.87
N ALA B 239 24.67 11.43 -46.42
CA ALA B 239 26.01 11.73 -45.96
C ALA B 239 25.99 12.22 -44.50
N ILE B 240 24.96 13.01 -44.12
CA ILE B 240 24.77 13.61 -42.78
C ILE B 240 24.62 12.53 -41.70
N PHE B 241 23.94 11.42 -42.04
CA PHE B 241 23.70 10.28 -41.17
C PHE B 241 24.94 9.43 -41.07
N ARG B 242 25.67 9.25 -42.20
CA ARG B 242 26.91 8.46 -42.18
C ARG B 242 27.95 9.14 -41.28
N ASP B 243 28.07 10.50 -41.34
CA ASP B 243 28.99 11.20 -40.42
C ASP B 243 28.57 11.00 -38.98
N PHE B 244 27.23 11.09 -38.68
CA PHE B 244 26.73 10.85 -37.33
C PHE B 244 27.21 9.47 -36.82
N LEU B 245 27.08 8.41 -37.68
CA LEU B 245 27.50 7.04 -37.34
C LEU B 245 29.00 6.89 -37.14
N ASN B 246 29.83 7.52 -38.02
CA ASN B 246 31.30 7.49 -37.92
C ASN B 246 31.82 8.11 -36.61
N ARG B 247 31.12 9.15 -36.10
CA ARG B 247 31.43 9.86 -34.85
C ARG B 247 31.05 9.03 -33.62
N CYS B 248 29.99 8.22 -33.76
CA CYS B 248 29.42 7.30 -32.78
C CYS B 248 30.26 6.04 -32.69
N LEU B 249 30.66 5.51 -33.87
CA LEU B 249 31.33 4.22 -34.03
C LEU B 249 32.84 4.29 -34.36
N ASP B 250 33.53 5.32 -33.82
CA ASP B 250 34.99 5.43 -33.91
C ASP B 250 35.50 4.58 -32.75
N MET B 251 36.36 3.58 -33.04
CA MET B 251 36.92 2.64 -32.06
C MET B 251 37.93 3.31 -31.11
N ASP B 252 38.54 4.42 -31.55
CA ASP B 252 39.43 5.17 -30.68
C ASP B 252 38.48 5.93 -29.74
N VAL B 253 38.50 5.59 -28.44
CA VAL B 253 37.62 6.23 -27.48
C VAL B 253 37.85 7.78 -27.42
N GLU B 254 39.10 8.26 -27.64
CA GLU B 254 39.40 9.69 -27.68
C GLU B 254 38.70 10.33 -28.89
N LYS B 255 38.68 9.63 -30.04
CA LYS B 255 38.06 10.09 -31.29
C LYS B 255 36.53 9.99 -31.30
N ARG B 256 35.95 9.09 -30.50
CA ARG B 256 34.51 8.85 -30.40
C ARG B 256 33.82 10.02 -29.71
N GLY B 257 32.65 10.41 -30.23
CA GLY B 257 31.88 11.52 -29.68
C GLY B 257 31.35 11.30 -28.28
N SER B 258 31.15 12.39 -27.55
CA SER B 258 30.52 12.40 -26.22
C SER B 258 29.05 12.76 -26.48
N ALA B 259 28.15 12.50 -25.51
CA ALA B 259 26.75 12.85 -25.66
C ALA B 259 26.60 14.35 -25.83
N LYS B 260 27.39 15.16 -25.07
CA LYS B 260 27.37 16.63 -25.19
C LYS B 260 27.76 17.08 -26.60
N GLU B 261 28.85 16.50 -27.14
CA GLU B 261 29.35 16.76 -28.48
C GLU B 261 28.32 16.40 -29.57
N LEU B 262 27.71 15.18 -29.49
CA LEU B 262 26.79 14.65 -30.51
C LEU B 262 25.44 15.36 -30.59
N LEU B 263 25.01 16.04 -29.51
CA LEU B 263 23.75 16.77 -29.51
C LEU B 263 23.86 17.99 -30.39
N GLN B 264 25.11 18.42 -30.67
CA GLN B 264 25.45 19.58 -31.50
C GLN B 264 25.65 19.19 -32.99
N HIS B 265 25.64 17.85 -33.29
CA HIS B 265 25.79 17.28 -34.63
C HIS B 265 24.61 17.66 -35.54
N GLN B 266 24.91 17.96 -36.83
CA GLN B 266 23.97 18.38 -37.89
C GLN B 266 22.85 17.42 -38.14
N PHE B 267 23.13 16.09 -38.08
CA PHE B 267 22.14 15.05 -38.33
C PHE B 267 20.90 15.21 -37.47
N LEU B 268 21.05 15.61 -36.21
CA LEU B 268 19.90 15.82 -35.34
C LEU B 268 19.04 17.02 -35.77
N LYS B 269 19.61 17.89 -36.63
CA LYS B 269 18.88 19.04 -37.14
C LYS B 269 17.83 18.64 -38.20
N ILE B 270 17.83 17.35 -38.65
CA ILE B 270 16.83 16.87 -39.60
C ILE B 270 15.61 16.23 -38.88
N ALA B 271 15.68 16.11 -37.53
CA ALA B 271 14.67 15.50 -36.66
C ALA B 271 13.30 16.06 -36.81
N LYS B 272 12.34 15.19 -37.07
CA LYS B 272 10.93 15.58 -37.21
C LYS B 272 10.35 15.70 -35.80
N PRO B 273 9.18 16.36 -35.59
CA PRO B 273 8.61 16.40 -34.22
C PRO B 273 8.32 14.98 -33.71
N LEU B 274 8.25 14.77 -32.37
CA LEU B 274 8.03 13.41 -31.85
C LEU B 274 6.62 12.87 -32.21
N SER B 275 5.71 13.78 -32.64
CA SER B 275 4.39 13.46 -33.16
C SER B 275 4.52 12.52 -34.37
N SER B 276 5.59 12.66 -35.20
CA SER B 276 5.86 11.81 -36.37
C SER B 276 6.08 10.32 -36.00
N LEU B 277 6.25 10.00 -34.70
CA LEU B 277 6.45 8.63 -34.21
C LEU B 277 5.13 7.92 -33.89
N THR B 278 4.06 8.68 -33.56
CA THR B 278 2.74 8.14 -33.20
C THR B 278 2.18 7.28 -34.37
N PRO B 279 2.32 7.62 -35.69
CA PRO B 279 1.92 6.68 -36.74
C PRO B 279 2.73 5.36 -36.73
N LEU B 280 4.04 5.41 -36.39
CA LEU B 280 4.91 4.21 -36.27
C LEU B 280 4.38 3.26 -35.19
N ILE B 281 3.96 3.82 -34.03
CA ILE B 281 3.43 3.05 -32.91
C ILE B 281 2.18 2.31 -33.36
N ALA B 282 1.26 3.03 -34.08
CA ALA B 282 0.00 2.52 -34.63
C ALA B 282 0.25 1.31 -35.52
N ALA B 283 1.23 1.44 -36.44
CA ALA B 283 1.58 0.37 -37.36
C ALA B 283 2.11 -0.84 -36.57
N ALA B 284 3.07 -0.63 -35.63
CA ALA B 284 3.63 -1.68 -34.73
C ALA B 284 2.52 -2.37 -33.90
N LYS B 285 1.63 -1.60 -33.25
CA LYS B 285 0.49 -2.07 -32.47
C LYS B 285 -0.42 -2.96 -33.32
N GLU B 286 -0.73 -2.58 -34.57
CA GLU B 286 -1.56 -3.35 -35.49
C GLU B 286 -0.85 -4.62 -35.99
N ALA B 287 0.45 -4.50 -36.27
CA ALA B 287 1.21 -5.64 -36.78
C ALA B 287 1.44 -6.69 -35.69
N THR B 288 1.73 -6.22 -34.45
CA THR B 288 1.96 -7.05 -33.25
C THR B 288 0.65 -7.13 -32.43
N LYS B 289 -0.47 -7.57 -33.06
CA LYS B 289 -1.77 -7.67 -32.39
C LYS B 289 -2.27 -9.11 -32.25
#